data_2FN9
#
_entry.id   2FN9
#
_cell.length_a   120.901
_cell.length_b   136.826
_cell.length_c   144.465
_cell.angle_alpha   90.00
_cell.angle_beta   90.00
_cell.angle_gamma   90.00
#
_symmetry.space_group_name_H-M   'F 2 2 2'
#
loop_
_entity.id
_entity.type
_entity.pdbx_description
1 polymer 'ribose ABC transporter, periplasmic ribose-binding protein'
2 water water
#
_entity_poly.entity_id   1
_entity_poly.type   'polypeptide(L)'
_entity_poly.pdbx_seq_one_letter_code
;MKGKMAIVISTLNNPWFVVLAETAKQRAEQLGYEATIFDSQNDTAKESAHFDAIIAAGYDAIIFNPTDADGSIANVKRAK
EAGIPVFCVDRGINARGLAVAQIYSDNYYGGVLAGEYFVKFLKEKYPDAKEIPYAELLGILSAQPTWDRSNGFHSVVDQY
PEFKMVAQQSAEFDRDTAYKVTEQILQAHPEIKAIWCGNDAMALGAMKACEAAGRTDIYIFGFDGAEDVINAIKEGKQIV
ATIMQFPKLMARLAVEWADQYLRGERSFPEIVPVTVELVTREGSHHHHHH
;
_entity_poly.pdbx_strand_id   A,B
#
# COMPACT_ATOMS: atom_id res chain seq x y z
N GLY A 3 -16.30 16.58 -17.67
CA GLY A 3 -16.63 17.79 -16.90
C GLY A 3 -15.40 18.34 -16.21
N LYS A 4 -15.50 19.56 -15.72
CA LYS A 4 -14.37 20.17 -15.02
C LYS A 4 -14.79 20.82 -13.71
N MET A 5 -13.92 20.67 -12.71
CA MET A 5 -14.17 21.25 -11.38
C MET A 5 -13.08 22.25 -11.05
N ALA A 6 -13.48 23.38 -10.49
CA ALA A 6 -12.53 24.41 -10.07
C ALA A 6 -12.32 24.29 -8.57
N ILE A 7 -11.06 24.27 -8.13
CA ILE A 7 -10.71 24.17 -6.72
C ILE A 7 -10.14 25.52 -6.31
N VAL A 8 -10.91 26.29 -5.53
CA VAL A 8 -10.52 27.64 -5.12
C VAL A 8 -10.09 27.53 -3.67
N ILE A 9 -8.78 27.64 -3.44
CA ILE A 9 -8.16 27.47 -2.12
C ILE A 9 -7.74 28.81 -1.56
N SER A 10 -7.88 29.00 -0.25
CA SER A 10 -7.58 30.30 0.35
C SER A 10 -6.13 30.71 0.18
N THR A 11 -5.22 29.74 0.26
CA THR A 11 -3.79 29.97 0.16
C THR A 11 -3.10 28.66 -0.15
N LEU A 12 -1.88 28.73 -0.66
CA LEU A 12 -1.04 27.55 -0.77
C LEU A 12 0.22 27.70 0.09
N ASN A 13 0.23 28.69 0.98
CA ASN A 13 1.43 28.97 1.80
C ASN A 13 1.53 28.18 3.11
N ASN A 14 0.67 27.18 3.29
CA ASN A 14 0.61 26.38 4.51
C ASN A 14 0.24 24.97 4.05
N PRO A 15 0.98 23.93 4.51
CA PRO A 15 0.73 22.58 4.04
C PRO A 15 -0.68 22.08 4.23
N TRP A 16 -1.39 22.58 5.25
CA TRP A 16 -2.76 22.15 5.47
C TRP A 16 -3.61 22.41 4.23
N PHE A 17 -3.45 23.60 3.65
CA PHE A 17 -4.24 24.01 2.50
C PHE A 17 -3.78 23.34 1.22
N VAL A 18 -2.48 23.08 1.12
CA VAL A 18 -1.95 22.38 -0.04
C VAL A 18 -2.55 20.96 -0.11
N VAL A 19 -2.59 20.28 1.03
CA VAL A 19 -3.17 18.93 1.07
C VAL A 19 -4.65 18.99 0.63
N LEU A 20 -5.41 19.95 1.14
CA LEU A 20 -6.81 20.04 0.75
C LEU A 20 -6.96 20.22 -0.76
N ALA A 21 -6.21 21.13 -1.33
CA ALA A 21 -6.37 21.44 -2.75
C ALA A 21 -5.90 20.30 -3.65
N GLU A 22 -4.73 19.76 -3.33
CA GLU A 22 -4.18 18.69 -4.14
C GLU A 22 -4.98 17.40 -4.02
N THR A 23 -5.49 17.11 -2.83
CA THR A 23 -6.33 15.92 -2.63
C THR A 23 -7.62 16.06 -3.42
N ALA A 24 -8.23 17.23 -3.38
CA ALA A 24 -9.44 17.46 -4.15
C ALA A 24 -9.22 17.30 -5.64
N LYS A 25 -8.13 17.89 -6.15
CA LYS A 25 -7.81 17.74 -7.58
C LYS A 25 -7.61 16.28 -7.97
N GLN A 26 -6.86 15.55 -7.16
CA GLN A 26 -6.59 14.13 -7.40
C GLN A 26 -7.90 13.35 -7.42
N ARG A 27 -8.77 13.58 -6.44
CA ARG A 27 -10.00 12.81 -6.36
C ARG A 27 -10.91 13.14 -7.54
N ALA A 28 -10.93 14.39 -7.98
CA ALA A 28 -11.75 14.78 -9.12
C ALA A 28 -11.30 14.02 -10.38
N GLU A 29 -9.99 13.93 -10.53
CA GLU A 29 -9.42 13.18 -11.65
C GLU A 29 -9.75 11.68 -11.56
N GLN A 30 -9.66 11.11 -10.36
CA GLN A 30 -10.05 9.70 -10.17
C GLN A 30 -11.51 9.45 -10.57
N LEU A 31 -12.38 10.42 -10.30
CA LEU A 31 -13.79 10.32 -10.62
C LEU A 31 -14.14 10.71 -12.06
N GLY A 32 -13.12 11.01 -12.87
CA GLY A 32 -13.27 11.22 -14.31
C GLY A 32 -13.41 12.66 -14.76
N TYR A 33 -13.12 13.60 -13.86
CA TYR A 33 -13.20 15.01 -14.17
C TYR A 33 -11.82 15.61 -14.42
N GLU A 34 -11.81 16.75 -15.09
CA GLU A 34 -10.65 17.63 -15.06
C GLU A 34 -10.79 18.55 -13.86
N ALA A 35 -9.67 18.97 -13.29
CA ALA A 35 -9.72 19.93 -12.20
C ALA A 35 -8.51 20.84 -12.21
N THR A 36 -8.74 22.09 -11.81
CA THR A 36 -7.73 23.12 -11.76
C THR A 36 -7.80 23.84 -10.41
N ILE A 37 -6.63 24.11 -9.83
CA ILE A 37 -6.50 24.82 -8.56
C ILE A 37 -6.26 26.31 -8.81
N PHE A 38 -7.05 27.13 -8.13
CA PHE A 38 -6.89 28.57 -8.11
C PHE A 38 -6.57 29.03 -6.69
N ASP A 39 -5.47 29.77 -6.53
CA ASP A 39 -4.96 30.21 -5.23
C ASP A 39 -5.39 31.66 -4.99
N SER A 40 -6.19 31.90 -3.95
CA SER A 40 -6.66 33.25 -3.60
C SER A 40 -5.60 34.08 -2.86
N GLN A 41 -4.55 33.42 -2.37
CA GLN A 41 -3.44 34.11 -1.70
C GLN A 41 -3.95 34.99 -0.55
N ASN A 42 -4.89 34.46 0.23
CA ASN A 42 -5.49 35.15 1.37
C ASN A 42 -6.08 36.52 1.04
N ASP A 43 -6.55 36.69 -0.18
CA ASP A 43 -7.07 37.96 -0.68
C ASP A 43 -8.45 37.72 -1.27
N THR A 44 -9.48 38.29 -0.65
CA THR A 44 -10.84 38.08 -1.11
C THR A 44 -11.07 38.69 -2.52
N ALA A 45 -10.31 39.74 -2.87
CA ALA A 45 -10.39 40.31 -4.21
C ALA A 45 -9.82 39.36 -5.26
N LYS A 46 -8.72 38.69 -4.96
CA LYS A 46 -8.17 37.67 -5.84
C LYS A 46 -9.18 36.52 -5.98
N GLU A 47 -9.80 36.13 -4.87
CA GLU A 47 -10.83 35.10 -4.88
C GLU A 47 -11.99 35.47 -5.79
N SER A 48 -12.43 36.72 -5.69
CA SER A 48 -13.54 37.18 -6.49
C SER A 48 -13.21 37.11 -7.98
N ALA A 49 -11.99 37.50 -8.31
CA ALA A 49 -11.53 37.47 -9.70
C ALA A 49 -11.49 36.03 -10.20
N HIS A 50 -11.04 35.09 -9.36
CA HIS A 50 -11.09 33.68 -9.73
C HIS A 50 -12.52 33.20 -9.99
N PHE A 51 -13.46 33.52 -9.09
CA PHE A 51 -14.85 33.14 -9.31
C PHE A 51 -15.39 33.66 -10.65
N ASP A 52 -15.12 34.92 -10.95
CA ASP A 52 -15.61 35.49 -12.21
C ASP A 52 -15.00 34.81 -13.44
N ALA A 53 -13.70 34.50 -13.36
CA ALA A 53 -13.04 33.74 -14.43
C ALA A 53 -13.61 32.33 -14.58
N ILE A 54 -13.87 31.68 -13.43
CA ILE A 54 -14.42 30.32 -13.40
C ILE A 54 -15.82 30.28 -14.02
N ILE A 55 -16.64 31.27 -13.69
CA ILE A 55 -17.98 31.36 -14.24
C ILE A 55 -17.92 31.58 -15.76
N ALA A 56 -17.06 32.49 -16.18
CA ALA A 56 -16.91 32.80 -17.60
C ALA A 56 -16.43 31.57 -18.39
N ALA A 57 -15.63 30.72 -17.78
CA ALA A 57 -15.08 29.51 -18.42
C ALA A 57 -16.04 28.30 -18.35
N GLY A 58 -17.14 28.44 -17.64
CA GLY A 58 -18.17 27.42 -17.62
C GLY A 58 -17.78 26.14 -16.90
N TYR A 59 -17.09 26.26 -15.77
CA TYR A 59 -16.83 25.09 -14.91
C TYR A 59 -18.14 24.50 -14.42
N ASP A 60 -18.13 23.20 -14.18
CA ASP A 60 -19.34 22.48 -13.79
C ASP A 60 -19.60 22.50 -12.28
N ALA A 61 -18.54 22.63 -11.50
CA ALA A 61 -18.66 22.75 -10.05
C ALA A 61 -17.45 23.45 -9.46
N ILE A 62 -17.67 24.03 -8.29
CA ILE A 62 -16.59 24.67 -7.55
C ILE A 62 -16.42 24.03 -6.16
N ILE A 63 -15.18 23.65 -5.87
CA ILE A 63 -14.78 23.18 -4.53
C ILE A 63 -14.09 24.37 -3.90
N PHE A 64 -14.65 24.91 -2.82
CA PHE A 64 -14.28 26.22 -2.31
C PHE A 64 -13.81 26.26 -0.86
N ASN A 65 -12.66 26.88 -0.63
CA ASN A 65 -12.13 27.13 0.72
C ASN A 65 -12.08 28.66 0.92
N PRO A 66 -13.15 29.25 1.47
CA PRO A 66 -13.29 30.71 1.52
C PRO A 66 -12.20 31.45 2.31
N THR A 67 -11.85 32.64 1.84
CA THR A 67 -10.91 33.51 2.57
C THR A 67 -11.56 34.17 3.79
N ASP A 68 -12.87 34.41 3.73
CA ASP A 68 -13.56 35.08 4.82
C ASP A 68 -15.02 34.67 4.86
N ALA A 69 -15.53 34.38 6.05
CA ALA A 69 -16.88 33.87 6.20
C ALA A 69 -17.95 34.90 5.79
N ASP A 70 -17.60 36.19 5.89
CA ASP A 70 -18.47 37.25 5.42
C ASP A 70 -18.10 37.69 4.00
N GLY A 71 -16.82 37.97 3.77
CA GLY A 71 -16.36 38.50 2.49
C GLY A 71 -16.61 37.60 1.30
N SER A 72 -16.60 36.29 1.53
CA SER A 72 -16.74 35.33 0.44
C SER A 72 -18.19 35.05 0.03
N ILE A 73 -19.16 35.50 0.84
CA ILE A 73 -20.56 35.26 0.55
C ILE A 73 -20.96 35.75 -0.85
N ALA A 74 -20.52 36.96 -1.22
CA ALA A 74 -20.92 37.51 -2.52
C ALA A 74 -20.41 36.67 -3.69
N ASN A 75 -19.21 36.13 -3.56
CA ASN A 75 -18.66 35.25 -4.59
C ASN A 75 -19.50 33.99 -4.78
N VAL A 76 -19.90 33.34 -3.70
CA VAL A 76 -20.74 32.14 -3.82
C VAL A 76 -22.09 32.49 -4.44
N LYS A 77 -22.64 33.64 -4.08
CA LYS A 77 -23.91 34.07 -4.65
C LYS A 77 -23.83 34.23 -6.17
N ARG A 78 -22.73 34.79 -6.66
CA ARG A 78 -22.55 34.96 -8.09
C ARG A 78 -22.46 33.62 -8.82
N ALA A 79 -21.78 32.65 -8.21
CA ALA A 79 -21.73 31.30 -8.80
C ALA A 79 -23.13 30.66 -8.82
N LYS A 80 -23.87 30.83 -7.73
CA LYS A 80 -25.25 30.34 -7.62
C LYS A 80 -26.15 30.94 -8.71
N GLU A 81 -26.06 32.25 -8.89
CA GLU A 81 -26.82 32.94 -9.93
C GLU A 81 -26.42 32.46 -11.34
N ALA A 82 -25.16 32.03 -11.50
CA ALA A 82 -24.70 31.47 -12.77
C ALA A 82 -25.03 29.98 -12.93
N GLY A 83 -25.63 29.36 -11.91
CA GLY A 83 -25.99 27.96 -11.99
C GLY A 83 -24.84 26.99 -11.78
N ILE A 84 -23.77 27.43 -11.11
CA ILE A 84 -22.62 26.57 -10.82
C ILE A 84 -22.63 26.20 -9.34
N PRO A 85 -22.76 24.91 -9.02
CA PRO A 85 -22.83 24.51 -7.61
C PRO A 85 -21.49 24.68 -6.88
N VAL A 86 -21.57 25.12 -5.62
CA VAL A 86 -20.40 25.35 -4.79
C VAL A 86 -20.45 24.44 -3.55
N PHE A 87 -19.33 23.77 -3.31
CA PHE A 87 -19.16 22.91 -2.13
C PHE A 87 -18.01 23.46 -1.33
N CYS A 88 -18.29 23.99 -0.13
CA CYS A 88 -17.22 24.56 0.68
C CYS A 88 -16.52 23.48 1.46
N VAL A 89 -15.24 23.73 1.74
CA VAL A 89 -14.43 22.78 2.48
C VAL A 89 -13.55 23.53 3.47
N ASP A 90 -13.56 23.04 4.70
CA ASP A 90 -12.69 23.49 5.81
C ASP A 90 -13.14 24.80 6.45
N ARG A 91 -13.44 25.78 5.61
CA ARG A 91 -14.03 27.02 6.07
C ARG A 91 -15.35 27.21 5.40
N GLY A 92 -16.18 28.04 6.01
CA GLY A 92 -17.56 28.24 5.58
C GLY A 92 -17.84 29.68 5.25
N ILE A 93 -19.09 29.91 4.88
CA ILE A 93 -19.61 31.26 4.73
C ILE A 93 -20.82 31.43 5.64
N ASN A 94 -21.01 32.65 6.12
CA ASN A 94 -22.10 32.98 7.04
C ASN A 94 -23.39 33.31 6.28
N ALA A 95 -23.80 32.39 5.43
CA ALA A 95 -25.07 32.50 4.73
C ALA A 95 -25.51 31.09 4.37
N ARG A 96 -26.83 30.90 4.30
CA ARG A 96 -27.40 29.64 3.86
C ARG A 96 -28.03 29.78 2.50
N GLY A 97 -28.27 28.64 1.86
CA GLY A 97 -28.99 28.60 0.59
C GLY A 97 -28.18 29.00 -0.61
N LEU A 98 -26.87 29.17 -0.44
CA LEU A 98 -26.01 29.59 -1.54
C LEU A 98 -25.13 28.42 -1.93
N ALA A 99 -24.27 27.98 -1.01
CA ALA A 99 -23.48 26.78 -1.25
C ALA A 99 -24.37 25.55 -1.09
N VAL A 100 -24.10 24.53 -1.89
CA VAL A 100 -24.83 23.26 -1.77
C VAL A 100 -24.54 22.63 -0.42
N ALA A 101 -23.28 22.65 -0.02
CA ALA A 101 -22.87 22.07 1.26
C ALA A 101 -21.60 22.74 1.72
N GLN A 102 -21.42 22.78 3.04
CA GLN A 102 -20.25 23.34 3.67
C GLN A 102 -19.67 22.30 4.60
N ILE A 103 -18.59 21.68 4.15
CA ILE A 103 -17.98 20.54 4.81
C ILE A 103 -16.82 21.03 5.66
N TYR A 104 -16.75 20.59 6.90
CA TYR A 104 -15.72 21.08 7.82
C TYR A 104 -15.40 20.03 8.86
N SER A 105 -14.24 20.13 9.49
CA SER A 105 -13.84 19.21 10.53
C SER A 105 -14.54 19.55 11.84
N ASP A 106 -15.06 18.53 12.53
CA ASP A 106 -15.90 18.71 13.71
C ASP A 106 -15.05 19.04 14.94
N ASN A 107 -14.64 20.29 15.00
CA ASN A 107 -13.83 20.78 16.11
C ASN A 107 -14.56 20.75 17.43
N TYR A 108 -15.85 21.04 17.43
CA TYR A 108 -16.61 21.01 18.68
C TYR A 108 -16.64 19.60 19.23
N TYR A 109 -16.98 18.62 18.40
CA TYR A 109 -17.01 17.25 18.85
C TYR A 109 -15.62 16.81 19.30
N GLY A 110 -14.56 17.22 18.62
CA GLY A 110 -13.23 16.88 19.06
C GLY A 110 -12.95 17.42 20.45
N GLY A 111 -13.41 18.62 20.73
CA GLY A 111 -13.30 19.17 22.08
C GLY A 111 -14.04 18.34 23.10
N VAL A 112 -15.24 17.88 22.76
CA VAL A 112 -16.00 16.98 23.62
C VAL A 112 -15.20 15.72 23.88
N LEU A 113 -14.66 15.09 22.84
CA LEU A 113 -13.85 13.89 23.02
C LEU A 113 -12.66 14.15 23.93
N ALA A 114 -12.01 15.29 23.73
CA ALA A 114 -10.83 15.65 24.51
C ALA A 114 -11.21 15.88 25.96
N GLY A 115 -12.32 16.56 26.20
CA GLY A 115 -12.80 16.77 27.58
C GLY A 115 -13.16 15.48 28.28
N GLU A 116 -13.81 14.57 27.56
CA GLU A 116 -14.16 13.28 28.14
C GLU A 116 -12.91 12.55 28.58
N TYR A 117 -11.87 12.53 27.74
CA TYR A 117 -10.67 11.79 28.09
C TYR A 117 -9.87 12.49 29.19
N PHE A 118 -9.88 13.81 29.17
CA PHE A 118 -9.27 14.63 30.20
C PHE A 118 -9.81 14.18 31.56
N VAL A 119 -11.12 14.07 31.67
CA VAL A 119 -11.73 13.68 32.93
C VAL A 119 -11.40 12.24 33.24
N LYS A 120 -11.54 11.35 32.26
CA LYS A 120 -11.28 9.92 32.50
C LYS A 120 -9.85 9.70 32.98
N PHE A 121 -8.90 10.29 32.27
CA PHE A 121 -7.50 10.08 32.55
C PHE A 121 -7.16 10.65 33.90
N LEU A 122 -7.59 11.87 34.18
CA LEU A 122 -7.18 12.53 35.40
C LEU A 122 -7.90 11.99 36.63
N LYS A 123 -9.13 11.49 36.49
CA LYS A 123 -9.81 10.84 37.62
C LYS A 123 -9.20 9.49 37.91
N GLU A 124 -8.57 8.86 36.93
CA GLU A 124 -7.83 7.62 37.18
C GLU A 124 -6.55 7.93 37.95
N LYS A 125 -5.88 9.03 37.62
CA LYS A 125 -4.63 9.39 38.30
C LYS A 125 -4.89 9.95 39.68
N TYR A 126 -6.00 10.69 39.82
CA TYR A 126 -6.30 11.46 41.02
C TYR A 126 -7.75 11.25 41.46
N PRO A 127 -8.09 10.00 41.82
CA PRO A 127 -9.49 9.65 42.14
C PRO A 127 -10.07 10.37 43.34
N ASP A 128 -9.23 10.69 44.30
CA ASP A 128 -9.66 11.25 45.59
C ASP A 128 -9.49 12.77 45.70
N ALA A 129 -8.61 13.35 44.88
CA ALA A 129 -8.29 14.78 44.98
C ALA A 129 -9.54 15.66 44.98
N LYS A 130 -9.62 16.56 45.94
CA LYS A 130 -10.74 17.48 46.03
C LYS A 130 -10.72 18.48 44.88
N GLU A 131 -9.52 18.89 44.47
CA GLU A 131 -9.35 19.81 43.35
C GLU A 131 -8.28 19.29 42.42
N ILE A 132 -8.53 19.44 41.12
CA ILE A 132 -7.55 19.14 40.08
C ILE A 132 -7.42 20.43 39.26
N PRO A 133 -6.50 21.33 39.65
CA PRO A 133 -6.33 22.56 38.89
C PRO A 133 -5.67 22.31 37.53
N TYR A 134 -6.05 23.11 36.55
CA TYR A 134 -5.49 22.98 35.21
C TYR A 134 -5.41 24.31 34.50
N ALA A 135 -4.62 24.32 33.44
CA ALA A 135 -4.55 25.48 32.54
C ALA A 135 -5.03 25.12 31.14
N GLU A 136 -5.50 26.14 30.42
CA GLU A 136 -5.92 26.00 29.03
C GLU A 136 -5.16 26.98 28.16
N LEU A 137 -4.55 26.45 27.11
CA LEU A 137 -4.00 27.29 26.04
C LEU A 137 -5.00 27.37 24.88
N LEU A 138 -5.49 28.57 24.62
CA LEU A 138 -6.39 28.83 23.51
C LEU A 138 -5.64 29.03 22.21
N GLY A 139 -6.29 28.69 21.11
CA GLY A 139 -5.81 29.14 19.81
C GLY A 139 -5.97 30.62 19.57
N ILE A 140 -5.83 31.00 18.31
CA ILE A 140 -5.97 32.39 17.88
C ILE A 140 -7.40 32.83 18.24
N LEU A 141 -7.55 33.96 18.94
CA LEU A 141 -8.84 34.31 19.54
C LEU A 141 -9.96 34.59 18.54
N SER A 142 -9.61 35.03 17.34
CA SER A 142 -10.59 35.33 16.33
C SER A 142 -11.03 34.12 15.52
N ALA A 143 -10.39 32.96 15.72
CA ALA A 143 -10.62 31.81 14.86
C ALA A 143 -11.73 30.90 15.40
N GLN A 144 -12.64 30.46 14.53
CA GLN A 144 -13.72 29.61 14.99
C GLN A 144 -13.24 28.30 15.60
N PRO A 145 -12.25 27.62 14.98
CA PRO A 145 -11.76 26.38 15.59
C PRO A 145 -11.29 26.53 17.05
N THR A 146 -10.69 27.66 17.37
CA THR A 146 -10.27 27.93 18.75
C THR A 146 -11.39 27.69 19.71
N TRP A 147 -12.53 28.28 19.39
CA TRP A 147 -13.65 28.30 20.29
C TRP A 147 -14.51 27.05 20.20
N ASP A 148 -14.59 26.45 19.02
CA ASP A 148 -15.30 25.18 18.93
C ASP A 148 -14.57 24.13 19.80
N ARG A 149 -13.24 24.09 19.70
CA ARG A 149 -12.48 23.16 20.51
C ARG A 149 -12.62 23.44 21.99
N SER A 150 -12.43 24.71 22.36
CA SER A 150 -12.51 25.08 23.76
C SER A 150 -13.91 24.86 24.33
N ASN A 151 -14.92 25.31 23.60
CA ASN A 151 -16.30 25.14 24.09
C ASN A 151 -16.67 23.69 24.20
N GLY A 152 -16.26 22.86 23.25
CA GLY A 152 -16.52 21.44 23.37
C GLY A 152 -15.89 20.81 24.59
N PHE A 153 -14.62 21.14 24.84
CA PHE A 153 -13.91 20.65 26.02
C PHE A 153 -14.66 21.04 27.29
N HIS A 154 -15.00 22.31 27.38
CA HIS A 154 -15.66 22.82 28.60
C HIS A 154 -17.05 22.28 28.78
N SER A 155 -17.75 21.95 27.69
CA SER A 155 -19.09 21.40 27.83
C SER A 155 -19.06 20.12 28.66
N VAL A 156 -17.93 19.41 28.64
CA VAL A 156 -17.73 18.19 29.43
C VAL A 156 -17.12 18.54 30.79
N VAL A 157 -15.97 19.20 30.78
CA VAL A 157 -15.18 19.33 32.00
C VAL A 157 -15.86 20.20 33.04
N ASP A 158 -16.61 21.20 32.60
CA ASP A 158 -17.27 22.11 33.53
C ASP A 158 -18.34 21.41 34.36
N GLN A 159 -18.77 20.22 33.93
CA GLN A 159 -19.74 19.43 34.70
C GLN A 159 -19.12 18.74 35.90
N TYR A 160 -17.79 18.70 35.95
CA TYR A 160 -17.06 18.07 37.06
C TYR A 160 -16.40 19.17 37.89
N PRO A 161 -17.04 19.60 38.99
CA PRO A 161 -16.55 20.80 39.68
C PRO A 161 -15.17 20.68 40.32
N GLU A 162 -14.69 19.46 40.52
CA GLU A 162 -13.36 19.27 41.09
C GLU A 162 -12.27 19.78 40.17
N PHE A 163 -12.54 19.85 38.86
CA PHE A 163 -11.58 20.40 37.90
C PHE A 163 -11.71 21.91 37.93
N LYS A 164 -10.59 22.60 38.14
CA LYS A 164 -10.58 24.04 38.30
C LYS A 164 -9.63 24.67 37.30
N MET A 165 -10.15 25.41 36.33
CA MET A 165 -9.31 26.15 35.39
C MET A 165 -8.77 27.39 36.07
N VAL A 166 -7.47 27.38 36.34
CA VAL A 166 -6.84 28.50 37.06
C VAL A 166 -6.08 29.45 36.13
N ALA A 167 -5.91 29.06 34.87
CA ALA A 167 -5.29 29.91 33.87
C ALA A 167 -5.84 29.56 32.50
N GLN A 168 -6.08 30.59 31.69
CA GLN A 168 -6.55 30.45 30.33
C GLN A 168 -5.96 31.58 29.52
N GLN A 169 -5.21 31.25 28.49
CA GLN A 169 -4.56 32.29 27.68
C GLN A 169 -4.32 31.79 26.27
N SER A 170 -4.41 32.67 25.28
CA SER A 170 -4.04 32.32 23.92
C SER A 170 -2.54 32.16 23.77
N ALA A 171 -2.16 31.10 23.07
CA ALA A 171 -0.80 30.97 22.56
C ALA A 171 -0.81 30.88 21.03
N GLU A 172 -1.88 31.41 20.42
CA GLU A 172 -1.89 31.72 18.99
C GLU A 172 -1.71 30.54 18.06
N PHE A 173 -2.11 29.35 18.51
CA PHE A 173 -1.91 28.12 17.78
C PHE A 173 -0.43 27.87 17.43
N ASP A 174 0.47 28.49 18.19
CA ASP A 174 1.89 28.54 17.83
C ASP A 174 2.77 27.87 18.88
N ARG A 175 3.73 27.07 18.41
CA ARG A 175 4.61 26.35 19.33
C ARG A 175 5.51 27.25 20.19
N ASP A 176 6.19 28.20 19.56
CA ASP A 176 7.10 29.05 20.33
C ASP A 176 6.34 29.93 21.31
N THR A 177 5.18 30.44 20.90
CA THR A 177 4.36 31.24 21.80
C THR A 177 3.88 30.40 22.98
N ALA A 178 3.51 29.15 22.73
CA ALA A 178 3.04 28.28 23.82
C ALA A 178 4.15 28.02 24.83
N TYR A 179 5.39 27.94 24.38
CA TYR A 179 6.51 27.76 25.30
C TYR A 179 6.57 28.95 26.26
N LYS A 180 6.53 30.16 25.72
CA LYS A 180 6.60 31.37 26.54
C LYS A 180 5.43 31.49 27.49
N VAL A 181 4.22 31.25 26.97
CA VAL A 181 3.03 31.39 27.79
C VAL A 181 3.03 30.34 28.89
N THR A 182 3.40 29.11 28.55
CA THR A 182 3.41 28.06 29.54
C THR A 182 4.46 28.33 30.62
N GLU A 183 5.63 28.81 30.21
CA GLU A 183 6.68 29.18 31.18
C GLU A 183 6.11 30.14 32.25
N GLN A 184 5.35 31.13 31.81
CA GLN A 184 4.72 32.10 32.72
C GLN A 184 3.66 31.45 33.60
N ILE A 185 2.79 30.63 32.98
CA ILE A 185 1.72 29.95 33.73
C ILE A 185 2.29 29.05 34.82
N LEU A 186 3.38 28.36 34.54
CA LEU A 186 3.99 27.48 35.54
C LEU A 186 4.55 28.25 36.74
N GLN A 187 5.01 29.48 36.50
CA GLN A 187 5.49 30.34 37.58
C GLN A 187 4.33 30.88 38.41
N ALA A 188 3.26 31.27 37.73
CA ALA A 188 2.12 31.90 38.40
C ALA A 188 1.19 30.87 39.03
N HIS A 189 1.09 29.69 38.43
CA HIS A 189 0.15 28.65 38.88
C HIS A 189 0.80 27.27 38.94
N PRO A 190 1.78 27.10 39.84
CA PRO A 190 2.45 25.83 39.99
C PRO A 190 1.56 24.70 40.51
N GLU A 191 0.37 25.04 40.99
CA GLU A 191 -0.58 24.03 41.43
C GLU A 191 -1.21 23.20 40.30
N ILE A 192 -1.04 23.59 39.04
CA ILE A 192 -1.68 22.84 37.96
C ILE A 192 -1.19 21.39 37.84
N LYS A 193 -2.11 20.50 37.50
CA LYS A 193 -1.82 19.09 37.27
C LYS A 193 -1.87 18.73 35.79
N ALA A 194 -2.42 19.63 34.98
CA ALA A 194 -2.64 19.33 33.58
C ALA A 194 -2.77 20.59 32.77
N ILE A 195 -2.50 20.46 31.46
CA ILE A 195 -2.67 21.54 30.50
C ILE A 195 -3.43 21.01 29.29
N TRP A 196 -4.54 21.68 28.97
CA TRP A 196 -5.31 21.37 27.78
C TRP A 196 -4.97 22.44 26.73
N CYS A 197 -4.59 21.97 25.56
CA CYS A 197 -4.09 22.83 24.48
C CYS A 197 -4.94 22.72 23.22
N GLY A 198 -5.27 23.87 22.65
CA GLY A 198 -6.16 23.92 21.49
C GLY A 198 -5.59 23.35 20.23
N ASN A 199 -4.27 23.19 20.15
CA ASN A 199 -3.69 22.40 19.05
C ASN A 199 -2.37 21.76 19.46
N ASP A 200 -1.89 20.90 18.58
CA ASP A 200 -0.68 20.11 18.84
C ASP A 200 0.57 20.95 18.90
N ALA A 201 0.69 21.96 18.05
CA ALA A 201 1.83 22.86 18.12
C ALA A 201 1.97 23.44 19.52
N MET A 202 0.85 23.88 20.08
CA MET A 202 0.87 24.45 21.43
C MET A 202 1.16 23.39 22.48
N ALA A 203 0.66 22.19 22.31
CA ALA A 203 1.01 21.11 23.23
C ALA A 203 2.52 20.84 23.25
N LEU A 204 3.15 20.85 22.07
CA LEU A 204 4.61 20.65 22.01
C LEU A 204 5.36 21.76 22.72
N GLY A 205 4.93 23.01 22.56
CA GLY A 205 5.55 24.13 23.24
C GLY A 205 5.35 24.04 24.73
N ALA A 206 4.15 23.67 25.15
CA ALA A 206 3.87 23.48 26.57
C ALA A 206 4.75 22.38 27.15
N MET A 207 4.91 21.29 26.43
CA MET A 207 5.75 20.21 26.94
C MET A 207 7.20 20.67 27.12
N LYS A 208 7.72 21.41 26.15
CA LYS A 208 9.10 21.88 26.27
C LYS A 208 9.25 22.83 27.46
N ALA A 209 8.27 23.67 27.72
CA ALA A 209 8.30 24.55 28.89
C ALA A 209 8.25 23.76 30.18
N CYS A 210 7.42 22.73 30.20
CA CYS A 210 7.36 21.84 31.37
C CYS A 210 8.70 21.17 31.63
N GLU A 211 9.30 20.65 30.58
CA GLU A 211 10.60 19.99 30.70
C GLU A 211 11.66 20.94 31.24
N ALA A 212 11.67 22.17 30.73
CA ALA A 212 12.66 23.16 31.18
C ALA A 212 12.46 23.51 32.65
N ALA A 213 11.24 23.42 33.13
CA ALA A 213 10.92 23.73 34.53
C ALA A 213 10.99 22.52 35.44
N GLY A 214 11.35 21.37 34.88
CA GLY A 214 11.35 20.13 35.63
C GLY A 214 9.99 19.60 35.99
N ARG A 215 8.93 20.16 35.41
CA ARG A 215 7.55 19.76 35.72
C ARG A 215 7.11 18.62 34.80
N THR A 216 7.83 17.52 34.89
CA THR A 216 7.57 16.31 34.11
C THR A 216 6.31 15.56 34.58
N ASP A 217 5.72 16.05 35.66
CA ASP A 217 4.55 15.43 36.30
C ASP A 217 3.23 15.90 35.67
N ILE A 218 3.26 17.02 34.95
CA ILE A 218 2.06 17.64 34.38
C ILE A 218 1.62 16.93 33.10
N TYR A 219 0.34 16.56 33.01
CA TYR A 219 -0.18 15.84 31.84
C TYR A 219 -0.74 16.85 30.83
N ILE A 220 -0.43 16.62 29.54
CA ILE A 220 -0.76 17.56 28.48
C ILE A 220 -1.65 16.90 27.42
N PHE A 221 -2.65 17.64 26.95
CA PHE A 221 -3.69 17.12 26.06
C PHE A 221 -3.76 18.09 24.88
N GLY A 222 -3.75 17.57 23.65
CA GLY A 222 -3.71 18.41 22.45
C GLY A 222 -4.84 18.15 21.45
N PHE A 223 -4.62 18.57 20.22
CA PHE A 223 -5.61 18.48 19.15
C PHE A 223 -4.90 18.68 17.81
N ASP A 224 -5.09 17.71 16.91
CA ASP A 224 -4.80 17.82 15.45
C ASP A 224 -4.38 16.44 14.90
N GLY A 225 -3.56 15.74 15.67
CA GLY A 225 -2.98 14.47 15.24
C GLY A 225 -1.70 14.67 14.45
N ALA A 226 -0.93 15.70 14.78
CA ALA A 226 0.37 15.95 14.14
C ALA A 226 1.33 14.81 14.47
N GLU A 227 2.16 14.41 13.50
CA GLU A 227 3.09 13.30 13.67
C GLU A 227 3.93 13.37 14.96
N ASP A 228 4.46 14.55 15.26
CA ASP A 228 5.33 14.72 16.42
C ASP A 228 4.58 14.47 17.72
N VAL A 229 3.29 14.83 17.78
CA VAL A 229 2.51 14.60 18.98
C VAL A 229 2.11 13.14 19.11
N ILE A 230 1.70 12.53 18.00
CA ILE A 230 1.37 11.10 18.00
C ILE A 230 2.58 10.28 18.50
N ASN A 231 3.77 10.66 18.03
CA ASN A 231 5.00 9.98 18.46
C ASN A 231 5.29 10.22 19.93
N ALA A 232 5.10 11.45 20.40
CA ALA A 232 5.24 11.76 21.82
C ALA A 232 4.28 10.92 22.66
N ILE A 233 3.02 10.84 22.26
CA ILE A 233 2.05 10.05 23.00
C ILE A 233 2.48 8.57 23.06
N LYS A 234 2.84 8.01 21.91
CA LYS A 234 3.26 6.62 21.79
C LYS A 234 4.52 6.31 22.61
N GLU A 235 5.40 7.29 22.74
CA GLU A 235 6.67 7.14 23.47
C GLU A 235 6.50 7.31 24.98
N GLY A 236 5.28 7.57 25.44
CA GLY A 236 4.99 7.70 26.86
C GLY A 236 5.45 9.02 27.45
N LYS A 237 5.50 10.07 26.61
CA LYS A 237 5.82 11.41 27.07
C LYS A 237 4.63 12.00 27.83
N GLN A 238 4.81 13.17 28.42
CA GLN A 238 3.75 13.76 29.24
C GLN A 238 2.58 14.32 28.43
N ILE A 239 2.71 14.40 27.10
CA ILE A 239 1.54 14.58 26.24
C ILE A 239 0.88 13.21 26.11
N VAL A 240 -0.38 13.10 26.55
CA VAL A 240 -1.05 11.81 26.68
C VAL A 240 -2.25 11.60 25.75
N ALA A 241 -2.64 12.64 25.01
CA ALA A 241 -3.79 12.53 24.11
C ALA A 241 -3.78 13.63 23.07
N THR A 242 -4.38 13.33 21.93
CA THR A 242 -4.70 14.33 20.93
C THR A 242 -5.97 13.88 20.21
N ILE A 243 -6.37 14.69 19.24
CA ILE A 243 -7.56 14.44 18.43
C ILE A 243 -7.14 14.46 16.98
N MET A 244 -7.35 13.34 16.29
CA MET A 244 -6.99 13.23 14.88
C MET A 244 -8.06 13.78 13.98
N GLN A 245 -7.65 14.62 13.03
CA GLN A 245 -8.52 15.15 11.98
C GLN A 245 -8.26 14.41 10.67
N PHE A 246 -9.21 14.53 9.75
CA PHE A 246 -9.16 13.78 8.48
C PHE A 246 -9.37 14.68 7.28
N PRO A 247 -8.44 15.62 7.06
CA PRO A 247 -8.62 16.59 5.99
C PRO A 247 -8.72 15.98 4.59
N LYS A 248 -8.00 14.88 4.32
CA LYS A 248 -8.13 14.27 3.00
C LYS A 248 -9.55 13.76 2.77
N LEU A 249 -10.20 13.25 3.81
CA LEU A 249 -11.57 12.75 3.66
C LEU A 249 -12.54 13.88 3.41
N MET A 250 -12.28 15.02 4.04
CA MET A 250 -13.07 16.24 3.83
C MET A 250 -12.98 16.72 2.38
N ALA A 251 -11.75 16.83 1.87
CA ALA A 251 -11.55 17.27 0.49
C ALA A 251 -12.20 16.32 -0.52
N ARG A 252 -12.00 15.04 -0.29
CA ARG A 252 -12.60 14.05 -1.17
C ARG A 252 -14.12 14.05 -1.10
N LEU A 253 -14.70 14.31 0.09
CA LEU A 253 -16.15 14.33 0.22
C LEU A 253 -16.73 15.45 -0.62
N ALA A 254 -16.11 16.62 -0.61
CA ALA A 254 -16.64 17.73 -1.39
C ALA A 254 -16.69 17.39 -2.87
N VAL A 255 -15.63 16.72 -3.34
CA VAL A 255 -15.55 16.31 -4.74
C VAL A 255 -16.57 15.21 -5.04
N GLU A 256 -16.70 14.25 -4.12
CA GLU A 256 -17.66 13.17 -4.30
C GLU A 256 -19.09 13.70 -4.36
N TRP A 257 -19.43 14.66 -3.49
CA TRP A 257 -20.74 15.27 -3.53
C TRP A 257 -20.96 16.10 -4.77
N ALA A 258 -19.92 16.79 -5.23
CA ALA A 258 -20.04 17.52 -6.50
C ALA A 258 -20.37 16.57 -7.65
N ASP A 259 -19.67 15.44 -7.69
CA ASP A 259 -19.95 14.38 -8.68
C ASP A 259 -21.40 13.92 -8.54
N GLN A 260 -21.82 13.61 -7.33
CA GLN A 260 -23.19 13.17 -7.11
C GLN A 260 -24.21 14.20 -7.60
N TYR A 261 -23.94 15.48 -7.34
CA TYR A 261 -24.81 16.56 -7.76
C TYR A 261 -24.91 16.63 -9.29
N LEU A 262 -23.77 16.57 -9.96
CA LEU A 262 -23.78 16.60 -11.43
C LEU A 262 -24.49 15.37 -12.00
N ARG A 263 -24.50 14.26 -11.25
CA ARG A 263 -25.28 13.05 -11.61
C ARG A 263 -26.75 13.10 -11.23
N GLY A 264 -27.21 14.24 -10.68
CA GLY A 264 -28.63 14.50 -10.49
C GLY A 264 -29.09 14.65 -9.05
N GLU A 265 -28.23 14.36 -8.07
CA GLU A 265 -28.65 14.45 -6.66
C GLU A 265 -28.83 15.90 -6.26
N ARG A 266 -29.90 16.20 -5.54
CA ARG A 266 -30.12 17.54 -4.98
C ARG A 266 -30.30 17.56 -3.45
N SER A 267 -30.43 16.39 -2.82
CA SER A 267 -30.70 16.35 -1.39
C SER A 267 -29.39 16.20 -0.61
N PHE A 268 -28.86 17.34 -0.19
CA PHE A 268 -27.64 17.38 0.64
C PHE A 268 -27.89 18.26 1.84
N PRO A 269 -27.36 17.90 3.02
CA PRO A 269 -27.42 18.86 4.14
C PRO A 269 -26.44 20.00 3.87
N GLU A 270 -26.78 21.20 4.33
CA GLU A 270 -25.92 22.36 4.04
C GLU A 270 -24.72 22.47 4.94
N ILE A 271 -24.84 22.06 6.19
CA ILE A 271 -23.75 22.21 7.16
C ILE A 271 -23.30 20.83 7.55
N VAL A 272 -22.06 20.47 7.24
CA VAL A 272 -21.62 19.07 7.25
C VAL A 272 -20.32 18.83 8.01
N PRO A 273 -20.41 18.44 9.29
CA PRO A 273 -19.20 18.10 10.01
C PRO A 273 -18.64 16.73 9.64
N VAL A 274 -17.33 16.66 9.47
CA VAL A 274 -16.62 15.41 9.26
C VAL A 274 -15.98 15.07 10.59
N THR A 275 -16.24 13.88 11.09
CA THR A 275 -15.83 13.53 12.44
C THR A 275 -14.31 13.49 12.63
N VAL A 276 -13.96 13.37 13.92
CA VAL A 276 -12.57 13.32 14.38
C VAL A 276 -12.47 12.16 15.38
N GLU A 277 -11.27 11.85 15.84
CA GLU A 277 -11.07 10.63 16.63
C GLU A 277 -10.02 10.86 17.72
N LEU A 278 -10.30 10.35 18.92
CA LEU A 278 -9.36 10.45 20.04
C LEU A 278 -8.16 9.55 19.83
N VAL A 279 -6.97 10.05 20.16
CA VAL A 279 -5.73 9.28 20.12
C VAL A 279 -5.14 9.30 21.52
N THR A 280 -4.84 8.12 22.08
CA THR A 280 -4.32 8.00 23.44
C THR A 280 -3.16 7.00 23.45
N ARG A 281 -2.47 6.88 24.59
CA ARG A 281 -1.42 5.86 24.76
C ARG A 281 -1.97 4.45 24.49
N GLU A 282 -3.10 4.17 25.11
CA GLU A 282 -3.73 2.85 25.09
C GLU A 282 -4.89 2.78 24.10
N GLY B 3 6.76 -53.51 -11.79
CA GLY B 3 7.12 -52.66 -12.96
C GLY B 3 8.25 -51.70 -12.63
N LYS B 4 8.73 -50.99 -13.64
CA LYS B 4 9.82 -50.06 -13.42
C LYS B 4 9.53 -48.73 -14.12
N MET B 5 9.95 -47.65 -13.47
CA MET B 5 9.80 -46.30 -14.04
C MET B 5 11.16 -45.65 -14.15
N ALA B 6 11.35 -44.92 -15.25
CA ALA B 6 12.57 -44.19 -15.49
C ALA B 6 12.35 -42.73 -15.16
N ILE B 7 13.16 -42.16 -14.27
CA ILE B 7 13.07 -40.76 -13.87
C ILE B 7 14.18 -40.03 -14.63
N VAL B 8 13.83 -39.31 -15.68
CA VAL B 8 14.83 -38.63 -16.51
C VAL B 8 14.83 -37.15 -16.15
N ILE B 9 15.92 -36.69 -15.55
CA ILE B 9 16.01 -35.35 -14.96
C ILE B 9 17.00 -34.53 -15.77
N SER B 10 16.72 -33.24 -15.96
CA SER B 10 17.55 -32.42 -16.85
C SER B 10 18.97 -32.28 -16.32
N THR B 11 19.10 -32.26 -15.00
CA THR B 11 20.40 -32.10 -14.34
C THR B 11 20.26 -32.51 -12.88
N LEU B 12 21.37 -32.86 -12.25
CA LEU B 12 21.39 -33.05 -10.80
C LEU B 12 22.26 -31.98 -10.12
N ASN B 13 22.81 -31.06 -10.90
CA ASN B 13 23.65 -30.00 -10.33
C ASN B 13 22.89 -28.75 -9.93
N ASN B 14 21.67 -28.95 -9.46
CA ASN B 14 20.81 -27.90 -8.98
C ASN B 14 19.87 -28.56 -7.98
N PRO B 15 19.85 -28.11 -6.71
CA PRO B 15 19.03 -28.76 -5.70
C PRO B 15 17.56 -28.87 -6.07
N TRP B 16 17.05 -27.91 -6.85
CA TRP B 16 15.65 -27.97 -7.32
C TRP B 16 15.39 -29.30 -8.02
N PHE B 17 16.32 -29.68 -8.90
CA PHE B 17 16.15 -30.87 -9.71
C PHE B 17 16.49 -32.14 -8.93
N VAL B 18 17.41 -32.05 -7.98
CA VAL B 18 17.69 -33.18 -7.12
C VAL B 18 16.41 -33.55 -6.36
N VAL B 19 15.74 -32.55 -5.82
CA VAL B 19 14.50 -32.79 -5.07
C VAL B 19 13.44 -33.39 -5.98
N LEU B 20 13.28 -32.85 -7.18
CA LEU B 20 12.33 -33.43 -8.12
C LEU B 20 12.59 -34.90 -8.40
N ALA B 21 13.84 -35.22 -8.73
CA ALA B 21 14.21 -36.57 -9.13
C ALA B 21 14.08 -37.56 -7.97
N GLU B 22 14.59 -37.18 -6.80
CA GLU B 22 14.57 -38.09 -5.67
C GLU B 22 13.13 -38.29 -5.16
N THR B 23 12.33 -37.24 -5.22
CA THR B 23 10.92 -37.34 -4.82
C THR B 23 10.15 -38.29 -5.74
N ALA B 24 10.35 -38.16 -7.03
CA ALA B 24 9.69 -39.05 -7.97
C ALA B 24 10.12 -40.48 -7.77
N LYS B 25 11.43 -40.70 -7.63
CA LYS B 25 11.94 -42.07 -7.44
C LYS B 25 11.35 -42.69 -6.20
N GLN B 26 11.36 -41.94 -5.12
CA GLN B 26 10.80 -42.43 -3.88
C GLN B 26 9.32 -42.73 -4.01
N ARG B 27 8.56 -41.86 -4.67
CA ARG B 27 7.12 -42.10 -4.80
C ARG B 27 6.86 -43.36 -5.63
N ALA B 28 7.63 -43.56 -6.70
CA ALA B 28 7.49 -44.75 -7.50
C ALA B 28 7.70 -46.01 -6.65
N GLU B 29 8.72 -45.98 -5.79
CA GLU B 29 8.98 -47.10 -4.90
C GLU B 29 7.85 -47.32 -3.91
N GLN B 30 7.30 -46.22 -3.38
CA GLN B 30 6.17 -46.33 -2.44
C GLN B 30 4.97 -47.00 -3.09
N LEU B 31 4.78 -46.72 -4.38
CA LEU B 31 3.70 -47.28 -5.17
C LEU B 31 4.01 -48.66 -5.77
N GLY B 32 5.12 -49.28 -5.35
CA GLY B 32 5.43 -50.66 -5.71
C GLY B 32 6.24 -50.88 -6.97
N TYR B 33 6.84 -49.82 -7.52
CA TYR B 33 7.66 -49.95 -8.71
C TYR B 33 9.14 -49.86 -8.36
N GLU B 34 9.99 -50.38 -9.25
CA GLU B 34 11.39 -50.03 -9.19
C GLU B 34 11.55 -48.72 -9.97
N ALA B 35 12.51 -47.89 -9.59
CA ALA B 35 12.75 -46.67 -10.35
C ALA B 35 14.24 -46.32 -10.36
N THR B 36 14.67 -45.75 -11.46
CA THR B 36 16.06 -45.35 -11.67
C THR B 36 16.08 -43.91 -12.18
N ILE B 37 16.98 -43.11 -11.63
CA ILE B 37 17.22 -41.72 -12.07
C ILE B 37 18.28 -41.69 -13.15
N PHE B 38 17.97 -40.99 -14.24
CA PHE B 38 18.88 -40.81 -15.38
C PHE B 38 19.12 -39.31 -15.47
N ASP B 39 20.37 -38.88 -15.34
CA ASP B 39 20.79 -37.49 -15.32
C ASP B 39 21.23 -37.06 -16.72
N SER B 40 20.52 -36.13 -17.34
CA SER B 40 20.86 -35.66 -18.69
C SER B 40 22.01 -34.64 -18.71
N GLN B 41 22.40 -34.14 -17.54
CA GLN B 41 23.54 -33.22 -17.41
C GLN B 41 23.43 -32.04 -18.37
N ASN B 42 22.23 -31.48 -18.47
CA ASN B 42 21.91 -30.33 -19.34
C ASN B 42 22.25 -30.51 -20.80
N ASP B 43 22.25 -31.76 -21.26
CA ASP B 43 22.70 -32.11 -22.61
C ASP B 43 21.63 -32.96 -23.28
N THR B 44 20.98 -32.42 -24.31
CA THR B 44 19.94 -33.17 -25.02
C THR B 44 20.46 -34.46 -25.69
N ALA B 45 21.72 -34.50 -26.10
CA ALA B 45 22.30 -35.74 -26.61
C ALA B 45 22.38 -36.83 -25.55
N LYS B 46 22.77 -36.43 -24.34
CA LYS B 46 22.81 -37.38 -23.22
C LYS B 46 21.40 -37.84 -22.87
N GLU B 47 20.45 -36.91 -22.88
CA GLU B 47 19.04 -37.25 -22.72
C GLU B 47 18.58 -38.26 -23.77
N SER B 48 18.92 -38.01 -25.03
CA SER B 48 18.53 -38.93 -26.11
C SER B 48 19.15 -40.33 -25.95
N ALA B 49 20.39 -40.37 -25.48
CA ALA B 49 21.07 -41.64 -25.22
C ALA B 49 20.40 -42.39 -24.06
N HIS B 50 19.98 -41.67 -23.03
CA HIS B 50 19.19 -42.30 -21.97
C HIS B 50 17.88 -42.87 -22.51
N PHE B 51 17.18 -42.12 -23.36
CA PHE B 51 15.93 -42.63 -23.92
C PHE B 51 16.16 -43.92 -24.73
N ASP B 52 17.25 -43.98 -25.48
CA ASP B 52 17.58 -45.20 -26.23
C ASP B 52 17.67 -46.41 -25.29
N ALA B 53 18.38 -46.22 -24.18
CA ALA B 53 18.61 -47.28 -23.21
C ALA B 53 17.33 -47.64 -22.43
N ILE B 54 16.55 -46.62 -22.11
CA ILE B 54 15.28 -46.80 -21.41
C ILE B 54 14.26 -47.57 -22.24
N ILE B 55 14.15 -47.21 -23.51
CA ILE B 55 13.28 -47.91 -24.43
C ILE B 55 13.74 -49.35 -24.64
N ALA B 56 15.03 -49.56 -24.85
CA ALA B 56 15.55 -50.91 -24.98
C ALA B 56 15.31 -51.76 -23.71
N ALA B 57 15.50 -51.15 -22.55
CA ALA B 57 15.30 -51.81 -21.26
C ALA B 57 13.84 -52.15 -20.96
N GLY B 58 12.91 -51.53 -21.68
CA GLY B 58 11.49 -51.85 -21.53
C GLY B 58 10.86 -51.29 -20.27
N TYR B 59 11.22 -50.06 -19.92
CA TYR B 59 10.57 -49.40 -18.79
C TYR B 59 9.08 -49.26 -19.05
N ASP B 60 8.31 -49.33 -17.96
CA ASP B 60 6.85 -49.27 -18.07
C ASP B 60 6.31 -47.85 -18.21
N ALA B 61 7.05 -46.87 -17.68
CA ALA B 61 6.68 -45.46 -17.81
C ALA B 61 7.93 -44.62 -17.65
N ILE B 62 7.85 -43.40 -18.18
CA ILE B 62 8.92 -42.43 -18.06
C ILE B 62 8.37 -41.16 -17.41
N ILE B 63 9.05 -40.73 -16.35
CA ILE B 63 8.76 -39.49 -15.65
C ILE B 63 9.83 -38.51 -16.13
N PHE B 64 9.44 -37.46 -16.86
CA PHE B 64 10.40 -36.75 -17.71
C PHE B 64 10.47 -35.27 -17.42
N ASN B 65 11.67 -34.79 -17.11
CA ASN B 65 11.95 -33.37 -16.99
C ASN B 65 12.84 -32.98 -18.16
N PRO B 66 12.25 -32.50 -19.26
CA PRO B 66 13.00 -32.22 -20.49
C PRO B 66 14.13 -31.20 -20.34
N THR B 67 15.21 -31.39 -21.09
CA THR B 67 16.27 -30.40 -21.19
C THR B 67 15.82 -29.20 -22.01
N ASP B 68 14.93 -29.44 -22.98
CA ASP B 68 14.52 -28.38 -23.90
C ASP B 68 13.17 -28.64 -24.50
N ALA B 69 12.33 -27.60 -24.52
CA ALA B 69 10.94 -27.76 -24.96
C ALA B 69 10.82 -28.14 -26.43
N ASP B 70 11.84 -27.80 -27.24
CA ASP B 70 11.88 -28.24 -28.63
C ASP B 70 12.73 -29.47 -28.83
N GLY B 71 13.96 -29.44 -28.31
CA GLY B 71 14.91 -30.52 -28.54
C GLY B 71 14.49 -31.86 -27.96
N SER B 72 13.63 -31.86 -26.95
CA SER B 72 13.21 -33.10 -26.30
C SER B 72 12.01 -33.76 -26.95
N ILE B 73 11.37 -33.09 -27.91
CA ILE B 73 10.17 -33.64 -28.56
C ILE B 73 10.43 -35.01 -29.17
N ALA B 74 11.54 -35.12 -29.91
CA ALA B 74 11.84 -36.35 -30.62
C ALA B 74 12.01 -37.53 -29.69
N ASN B 75 12.56 -37.28 -28.50
CA ASN B 75 12.68 -38.37 -27.51
C ASN B 75 11.33 -38.88 -27.03
N VAL B 76 10.38 -37.96 -26.78
CA VAL B 76 9.06 -38.37 -26.34
C VAL B 76 8.35 -39.14 -27.44
N LYS B 77 8.51 -38.69 -28.67
CA LYS B 77 7.92 -39.38 -29.81
C LYS B 77 8.43 -40.81 -29.94
N ARG B 78 9.73 -41.01 -29.77
CA ARG B 78 10.31 -42.36 -29.83
C ARG B 78 9.75 -43.26 -28.72
N ALA B 79 9.60 -42.71 -27.52
CA ALA B 79 9.01 -43.47 -26.43
C ALA B 79 7.57 -43.83 -26.74
N LYS B 80 6.79 -42.88 -27.26
CA LYS B 80 5.40 -43.18 -27.61
C LYS B 80 5.29 -44.26 -28.68
N GLU B 81 6.15 -44.20 -29.70
CA GLU B 81 6.18 -45.25 -30.73
C GLU B 81 6.48 -46.63 -30.14
N ALA B 82 7.28 -46.67 -29.08
CA ALA B 82 7.61 -47.93 -28.41
C ALA B 82 6.56 -48.35 -27.40
N GLY B 83 5.49 -47.56 -27.25
CA GLY B 83 4.43 -47.93 -26.34
C GLY B 83 4.74 -47.63 -24.88
N ILE B 84 5.60 -46.66 -24.63
CA ILE B 84 5.96 -46.30 -23.26
C ILE B 84 5.39 -44.91 -22.95
N PRO B 85 4.47 -44.81 -21.98
CA PRO B 85 3.87 -43.51 -21.68
C PRO B 85 4.84 -42.58 -20.94
N VAL B 86 4.76 -41.30 -21.29
CA VAL B 86 5.62 -40.28 -20.74
C VAL B 86 4.77 -39.23 -20.05
N PHE B 87 5.19 -38.88 -18.83
CA PHE B 87 4.58 -37.82 -18.04
C PHE B 87 5.63 -36.79 -17.76
N CYS B 88 5.45 -35.58 -18.27
CA CYS B 88 6.43 -34.52 -18.07
C CYS B 88 6.22 -33.79 -16.76
N VAL B 89 7.32 -33.38 -16.15
CA VAL B 89 7.32 -32.72 -14.84
C VAL B 89 8.17 -31.46 -14.88
N ASP B 90 7.57 -30.35 -14.48
CA ASP B 90 8.23 -29.05 -14.27
C ASP B 90 8.61 -28.30 -15.52
N ARG B 91 8.85 -29.03 -16.60
CA ARG B 91 9.03 -28.46 -17.93
C ARG B 91 8.27 -29.34 -18.89
N GLY B 92 7.81 -28.77 -19.99
CA GLY B 92 7.05 -29.49 -20.98
C GLY B 92 7.79 -29.59 -22.30
N ILE B 93 7.08 -30.14 -23.26
CA ILE B 93 7.55 -30.13 -24.64
C ILE B 93 6.52 -29.39 -25.48
N ASN B 94 6.99 -28.77 -26.56
CA ASN B 94 6.11 -28.01 -27.45
C ASN B 94 5.53 -28.90 -28.53
N ALA B 95 4.78 -29.90 -28.09
CA ALA B 95 4.02 -30.76 -28.97
C ALA B 95 2.89 -31.36 -28.13
N ARG B 96 1.74 -31.57 -28.76
CA ARG B 96 0.63 -32.24 -28.11
C ARG B 96 0.47 -33.64 -28.66
N GLY B 97 -0.24 -34.47 -27.91
CA GLY B 97 -0.54 -35.82 -28.34
C GLY B 97 0.61 -36.80 -28.23
N LEU B 98 1.70 -36.40 -27.57
CA LEU B 98 2.85 -37.28 -27.39
C LEU B 98 2.91 -37.69 -25.92
N ALA B 99 3.20 -36.74 -25.04
CA ALA B 99 3.15 -37.02 -23.61
C ALA B 99 1.72 -37.26 -23.16
N VAL B 100 1.52 -38.20 -22.24
CA VAL B 100 0.18 -38.41 -21.70
C VAL B 100 -0.27 -37.15 -20.97
N ALA B 101 0.63 -36.56 -20.21
CA ALA B 101 0.35 -35.32 -19.49
C ALA B 101 1.63 -34.56 -19.22
N GLN B 102 1.51 -33.24 -19.08
CA GLN B 102 2.60 -32.34 -18.78
C GLN B 102 2.21 -31.55 -17.55
N ILE B 103 2.93 -31.77 -16.46
CA ILE B 103 2.59 -31.21 -15.17
C ILE B 103 3.60 -30.16 -14.79
N TYR B 104 3.17 -28.92 -14.61
CA TYR B 104 4.09 -27.86 -14.20
C TYR B 104 3.31 -26.75 -13.53
N SER B 105 4.00 -25.79 -12.94
CA SER B 105 3.32 -24.74 -12.20
C SER B 105 2.52 -23.83 -13.08
N ASP B 106 1.43 -23.29 -12.51
CA ASP B 106 0.62 -22.29 -13.19
C ASP B 106 1.32 -20.94 -13.11
N ASN B 107 2.20 -20.73 -14.06
CA ASN B 107 3.04 -19.54 -14.10
C ASN B 107 2.24 -18.29 -14.30
N TYR B 108 1.23 -18.35 -15.15
CA TYR B 108 0.42 -17.18 -15.43
C TYR B 108 -0.33 -16.77 -14.18
N TYR B 109 -0.95 -17.72 -13.49
CA TYR B 109 -1.68 -17.40 -12.27
C TYR B 109 -0.74 -16.85 -11.20
N GLY B 110 0.46 -17.39 -11.10
CA GLY B 110 1.42 -16.85 -10.14
C GLY B 110 1.74 -15.40 -10.46
N GLY B 111 1.88 -15.08 -11.74
CA GLY B 111 2.10 -13.70 -12.16
C GLY B 111 0.94 -12.81 -11.76
N VAL B 112 -0.28 -13.29 -11.95
CA VAL B 112 -1.46 -12.57 -11.52
C VAL B 112 -1.44 -12.31 -10.02
N LEU B 113 -1.16 -13.32 -9.23
CA LEU B 113 -1.10 -13.17 -7.78
C LEU B 113 -0.05 -12.14 -7.36
N ALA B 114 1.10 -12.19 -7.99
CA ALA B 114 2.18 -11.25 -7.74
C ALA B 114 1.76 -9.83 -8.12
N GLY B 115 1.12 -9.67 -9.26
CA GLY B 115 0.61 -8.36 -9.70
C GLY B 115 -0.42 -7.80 -8.74
N GLU B 116 -1.36 -8.63 -8.29
CA GLU B 116 -2.38 -8.14 -7.34
C GLU B 116 -1.70 -7.60 -6.09
N TYR B 117 -0.70 -8.29 -5.58
CA TYR B 117 -0.05 -7.85 -4.36
C TYR B 117 0.84 -6.65 -4.60
N PHE B 118 1.51 -6.61 -5.75
CA PHE B 118 2.36 -5.48 -6.15
C PHE B 118 1.52 -4.21 -6.04
N VAL B 119 0.29 -4.26 -6.53
CA VAL B 119 -0.57 -3.07 -6.53
C VAL B 119 -1.03 -2.76 -5.11
N LYS B 120 -1.54 -3.74 -4.40
CA LYS B 120 -2.05 -3.50 -3.04
C LYS B 120 -0.96 -2.95 -2.16
N PHE B 121 0.22 -3.56 -2.22
CA PHE B 121 1.34 -3.19 -1.36
C PHE B 121 1.84 -1.79 -1.69
N LEU B 122 2.07 -1.51 -2.96
CA LEU B 122 2.68 -0.25 -3.35
C LEU B 122 1.69 0.91 -3.25
N LYS B 123 0.40 0.67 -3.42
CA LYS B 123 -0.58 1.73 -3.18
C LYS B 123 -0.66 2.10 -1.72
N GLU B 124 -0.54 1.12 -0.83
CA GLU B 124 -0.54 1.40 0.60
C GLU B 124 0.71 2.19 1.01
N LYS B 125 1.84 1.93 0.33
CA LYS B 125 3.08 2.66 0.59
C LYS B 125 3.07 4.05 -0.01
N TYR B 126 2.48 4.18 -1.18
CA TYR B 126 2.50 5.42 -1.95
C TYR B 126 1.10 5.85 -2.39
N PRO B 127 0.20 6.08 -1.42
CA PRO B 127 -1.22 6.34 -1.71
C PRO B 127 -1.49 7.67 -2.39
N ASP B 128 -0.59 8.63 -2.23
CA ASP B 128 -0.79 9.97 -2.79
C ASP B 128 0.01 10.20 -4.08
N ALA B 129 0.86 9.25 -4.46
CA ALA B 129 1.75 9.44 -5.60
C ALA B 129 1.02 9.43 -6.94
N LYS B 130 1.42 10.33 -7.85
CA LYS B 130 0.84 10.39 -9.19
C LYS B 130 1.33 9.21 -10.02
N GLU B 131 2.61 8.87 -9.85
CA GLU B 131 3.21 7.77 -10.57
C GLU B 131 4.08 6.93 -9.65
N ILE B 132 4.07 5.62 -9.89
CA ILE B 132 4.95 4.68 -9.22
C ILE B 132 5.79 3.97 -10.29
N PRO B 133 7.00 4.48 -10.57
CA PRO B 133 7.90 3.86 -11.54
C PRO B 133 8.46 2.53 -11.02
N TYR B 134 8.63 1.56 -11.92
CA TYR B 134 9.21 0.28 -11.53
C TYR B 134 9.98 -0.35 -12.68
N ALA B 135 10.77 -1.37 -12.34
CA ALA B 135 11.52 -2.16 -13.31
C ALA B 135 11.07 -3.62 -13.27
N GLU B 136 11.23 -4.31 -14.40
CA GLU B 136 10.99 -5.75 -14.50
C GLU B 136 12.22 -6.49 -14.99
N LEU B 137 12.59 -7.54 -14.25
CA LEU B 137 13.61 -8.48 -14.72
C LEU B 137 12.91 -9.69 -15.31
N LEU B 138 13.12 -9.92 -16.60
CA LEU B 138 12.57 -11.06 -17.30
C LEU B 138 13.47 -12.26 -17.15
N GLY B 139 12.85 -13.44 -17.24
CA GLY B 139 13.61 -14.66 -17.38
C GLY B 139 14.22 -14.82 -18.76
N ILE B 140 14.68 -16.02 -19.05
CA ILE B 140 15.25 -16.37 -20.35
C ILE B 140 14.18 -16.12 -21.43
N LEU B 141 14.52 -15.31 -22.44
CA LEU B 141 13.52 -14.79 -23.36
C LEU B 141 12.87 -15.88 -24.21
N SER B 142 13.61 -16.95 -24.49
CA SER B 142 13.05 -18.06 -25.26
C SER B 142 12.17 -19.02 -24.45
N ALA B 143 12.08 -18.85 -23.14
CA ALA B 143 11.35 -19.78 -22.26
C ALA B 143 9.93 -19.32 -22.02
N GLN B 144 8.95 -20.20 -22.23
CA GLN B 144 7.57 -19.78 -22.04
C GLN B 144 7.24 -19.32 -20.62
N PRO B 145 7.79 -19.98 -19.58
CA PRO B 145 7.51 -19.43 -18.24
C PRO B 145 7.87 -17.95 -18.06
N THR B 146 8.90 -17.49 -18.75
CA THR B 146 9.23 -16.06 -18.70
C THR B 146 8.03 -15.21 -19.03
N TRP B 147 7.37 -15.58 -20.12
CA TRP B 147 6.27 -14.80 -20.66
C TRP B 147 4.96 -15.06 -19.93
N ASP B 148 4.70 -16.29 -19.50
CA ASP B 148 3.52 -16.53 -18.67
C ASP B 148 3.58 -15.73 -17.36
N ARG B 149 4.73 -15.76 -16.67
CA ARG B 149 4.85 -14.97 -15.45
C ARG B 149 4.71 -13.48 -15.72
N SER B 150 5.41 -13.00 -16.73
CA SER B 150 5.35 -11.56 -17.02
C SER B 150 3.96 -11.15 -17.47
N ASN B 151 3.36 -11.90 -18.39
CA ASN B 151 2.03 -11.54 -18.93
C ASN B 151 0.99 -11.57 -17.83
N GLY B 152 1.09 -12.52 -16.92
CA GLY B 152 0.18 -12.57 -15.81
C GLY B 152 0.28 -11.35 -14.91
N PHE B 153 1.51 -11.00 -14.52
CA PHE B 153 1.76 -9.80 -13.72
C PHE B 153 1.17 -8.57 -14.40
N HIS B 154 1.49 -8.40 -15.67
CA HIS B 154 1.03 -7.22 -16.41
C HIS B 154 -0.47 -7.21 -16.60
N SER B 155 -1.10 -8.38 -16.65
CA SER B 155 -2.57 -8.43 -16.80
C SER B 155 -3.26 -7.70 -15.66
N VAL B 156 -2.62 -7.65 -14.50
CA VAL B 156 -3.15 -6.95 -13.34
C VAL B 156 -2.62 -5.52 -13.30
N VAL B 157 -1.30 -5.36 -13.33
CA VAL B 157 -0.68 -4.07 -13.06
C VAL B 157 -0.99 -3.06 -14.16
N ASP B 158 -1.10 -3.50 -15.42
CA ASP B 158 -1.38 -2.57 -16.51
C ASP B 158 -2.75 -1.89 -16.38
N GLN B 159 -3.65 -2.42 -15.56
CA GLN B 159 -4.97 -1.81 -15.32
C GLN B 159 -4.90 -0.58 -14.42
N TYR B 160 -3.75 -0.37 -13.80
CA TYR B 160 -3.52 0.73 -12.88
C TYR B 160 -2.46 1.66 -13.48
N PRO B 161 -2.89 2.70 -14.21
CA PRO B 161 -1.98 3.51 -15.03
C PRO B 161 -0.92 4.32 -14.25
N GLU B 162 -1.11 4.47 -12.93
CA GLU B 162 -0.10 5.14 -12.07
C GLU B 162 1.22 4.37 -12.08
N PHE B 163 1.15 3.05 -12.26
CA PHE B 163 2.36 2.25 -12.29
C PHE B 163 2.98 2.34 -13.67
N LYS B 164 4.26 2.69 -13.71
CA LYS B 164 4.95 2.90 -14.97
C LYS B 164 6.20 2.06 -15.03
N MET B 165 6.24 1.11 -15.97
CA MET B 165 7.43 0.29 -16.19
C MET B 165 8.45 1.07 -17.02
N VAL B 166 9.53 1.46 -16.37
CA VAL B 166 10.53 2.31 -17.00
C VAL B 166 11.77 1.54 -17.46
N ALA B 167 11.87 0.28 -17.05
CA ALA B 167 12.92 -0.60 -17.51
C ALA B 167 12.43 -2.05 -17.48
N GLN B 168 12.80 -2.78 -18.52
CA GLN B 168 12.46 -4.20 -18.65
C GLN B 168 13.59 -4.90 -19.37
N GLN B 169 14.22 -5.87 -18.72
CA GLN B 169 15.37 -6.55 -19.29
C GLN B 169 15.49 -7.96 -18.77
N SER B 170 15.98 -8.87 -19.60
CA SER B 170 16.24 -10.23 -19.14
C SER B 170 17.47 -10.28 -18.27
N ALA B 171 17.37 -11.01 -17.17
CA ALA B 171 18.55 -11.44 -16.42
C ALA B 171 18.67 -12.97 -16.38
N GLU B 172 18.05 -13.62 -17.37
CA GLU B 172 18.31 -15.01 -17.69
C GLU B 172 18.01 -15.97 -16.55
N PHE B 173 17.06 -15.61 -15.71
CA PHE B 173 16.68 -16.44 -14.56
C PHE B 173 17.86 -16.71 -13.62
N ASP B 174 18.89 -15.87 -13.66
CA ASP B 174 20.17 -16.12 -12.99
C ASP B 174 20.49 -15.03 -11.96
N ARG B 175 20.92 -15.44 -10.77
CA ARG B 175 21.22 -14.48 -9.69
C ARG B 175 22.32 -13.49 -10.04
N ASP B 176 23.45 -14.00 -10.51
CA ASP B 176 24.59 -13.13 -10.74
C ASP B 176 24.38 -12.22 -11.92
N THR B 177 23.68 -12.71 -12.96
CA THR B 177 23.33 -11.87 -14.08
C THR B 177 22.41 -10.75 -13.63
N ALA B 178 21.49 -11.05 -12.72
CA ALA B 178 20.58 -10.04 -12.19
C ALA B 178 21.32 -8.97 -11.40
N TYR B 179 22.42 -9.33 -10.73
CA TYR B 179 23.23 -8.32 -10.04
C TYR B 179 23.73 -7.28 -11.04
N LYS B 180 24.31 -7.76 -12.14
CA LYS B 180 24.86 -6.86 -13.15
C LYS B 180 23.77 -6.00 -13.79
N VAL B 181 22.66 -6.61 -14.17
CA VAL B 181 21.60 -5.92 -14.85
C VAL B 181 20.93 -4.89 -13.94
N THR B 182 20.72 -5.27 -12.68
CA THR B 182 20.12 -4.35 -11.73
C THR B 182 21.02 -3.14 -11.46
N GLU B 183 22.33 -3.37 -11.32
CA GLU B 183 23.26 -2.24 -11.13
C GLU B 183 23.10 -1.21 -12.24
N GLN B 184 22.95 -1.69 -13.47
CA GLN B 184 22.80 -0.83 -14.63
C GLN B 184 21.46 -0.09 -14.60
N ILE B 185 20.39 -0.80 -14.28
CA ILE B 185 19.06 -0.19 -14.18
C ILE B 185 19.03 0.88 -13.08
N LEU B 186 19.71 0.65 -11.95
CA LEU B 186 19.70 1.63 -10.87
C LEU B 186 20.38 2.94 -11.26
N GLN B 187 21.36 2.85 -12.16
CA GLN B 187 22.06 4.06 -12.62
C GLN B 187 21.29 4.77 -13.72
N ALA B 188 20.61 4.02 -14.58
CA ALA B 188 19.83 4.59 -15.65
C ALA B 188 18.47 5.10 -15.17
N HIS B 189 17.88 4.41 -14.19
CA HIS B 189 16.54 4.70 -13.75
C HIS B 189 16.44 4.76 -12.23
N PRO B 190 17.11 5.74 -11.60
CA PRO B 190 17.08 5.88 -10.15
C PRO B 190 15.68 6.20 -9.58
N GLU B 191 14.76 6.59 -10.44
CA GLU B 191 13.38 6.88 -10.04
C GLU B 191 12.56 5.66 -9.62
N ILE B 192 13.03 4.44 -9.90
CA ILE B 192 12.21 3.25 -9.60
C ILE B 192 11.92 3.09 -8.12
N LYS B 193 10.73 2.58 -7.83
CA LYS B 193 10.28 2.32 -6.49
C LYS B 193 10.26 0.83 -6.16
N ALA B 194 10.35 0.01 -7.21
CA ALA B 194 10.12 -1.43 -7.09
C ALA B 194 10.72 -2.15 -8.27
N ILE B 195 11.03 -3.43 -8.06
CA ILE B 195 11.49 -4.32 -9.10
C ILE B 195 10.69 -5.62 -9.00
N TRP B 196 10.03 -5.98 -10.10
CA TRP B 196 9.37 -7.27 -10.23
C TRP B 196 10.29 -8.22 -11.00
N CYS B 197 10.52 -9.40 -10.44
CA CYS B 197 11.48 -10.36 -10.97
C CYS B 197 10.81 -11.67 -11.30
N GLY B 198 11.11 -12.19 -12.49
CA GLY B 198 10.50 -13.44 -12.94
C GLY B 198 10.86 -14.68 -12.15
N ASN B 199 11.92 -14.63 -11.36
CA ASN B 199 12.18 -15.69 -10.40
C ASN B 199 12.94 -15.21 -9.20
N ASP B 200 13.04 -16.07 -8.20
CA ASP B 200 13.65 -15.72 -6.94
C ASP B 200 15.15 -15.49 -7.06
N ALA B 201 15.82 -16.24 -7.92
CA ALA B 201 17.25 -16.04 -8.12
C ALA B 201 17.52 -14.62 -8.55
N MET B 202 16.73 -14.13 -9.50
CA MET B 202 16.93 -12.76 -9.98
C MET B 202 16.55 -11.75 -8.90
N ALA B 203 15.55 -12.04 -8.08
CA ALA B 203 15.20 -11.16 -6.96
C ALA B 203 16.36 -11.04 -5.98
N LEU B 204 17.07 -12.14 -5.72
CA LEU B 204 18.21 -12.12 -4.80
C LEU B 204 19.37 -11.34 -5.39
N GLY B 205 19.62 -11.52 -6.67
CA GLY B 205 20.63 -10.72 -7.37
C GLY B 205 20.31 -9.24 -7.36
N ALA B 206 19.04 -8.91 -7.60
CA ALA B 206 18.59 -7.53 -7.58
C ALA B 206 18.77 -6.93 -6.18
N MET B 207 18.44 -7.70 -5.14
CA MET B 207 18.63 -7.22 -3.75
C MET B 207 20.10 -6.93 -3.47
N LYS B 208 20.98 -7.83 -3.88
CA LYS B 208 22.43 -7.63 -3.70
C LYS B 208 22.91 -6.36 -4.40
N ALA B 209 22.41 -6.09 -5.61
CA ALA B 209 22.79 -4.85 -6.32
C ALA B 209 22.23 -3.63 -5.61
N CYS B 210 21.00 -3.71 -5.12
CA CYS B 210 20.42 -2.59 -4.41
C CYS B 210 21.20 -2.29 -3.14
N GLU B 211 21.56 -3.33 -2.40
CA GLU B 211 22.38 -3.16 -1.19
C GLU B 211 23.72 -2.50 -1.50
N ALA B 212 24.37 -2.97 -2.56
CA ALA B 212 25.66 -2.39 -2.98
C ALA B 212 25.54 -0.90 -3.29
N ALA B 213 24.41 -0.51 -3.86
CA ALA B 213 24.16 0.88 -4.26
C ALA B 213 23.62 1.75 -3.13
N GLY B 214 23.28 1.13 -1.99
CA GLY B 214 22.63 1.85 -0.91
C GLY B 214 21.13 2.09 -1.08
N ARG B 215 20.52 1.46 -2.11
CA ARG B 215 19.09 1.62 -2.40
C ARG B 215 18.26 0.55 -1.69
N THR B 216 18.33 0.58 -0.36
CA THR B 216 17.61 -0.33 0.49
C THR B 216 16.09 -0.02 0.54
N ASP B 217 15.68 1.05 -0.13
CA ASP B 217 14.31 1.53 -0.13
C ASP B 217 13.42 0.87 -1.20
N ILE B 218 14.05 0.26 -2.21
CA ILE B 218 13.35 -0.32 -3.36
C ILE B 218 12.75 -1.67 -3.00
N TYR B 219 11.45 -1.84 -3.25
CA TYR B 219 10.75 -3.08 -2.90
C TYR B 219 10.87 -4.10 -4.04
N ILE B 220 11.17 -5.35 -3.68
CA ILE B 220 11.45 -6.39 -4.69
C ILE B 220 10.45 -7.55 -4.52
N PHE B 221 9.98 -8.05 -5.68
CA PHE B 221 8.93 -9.07 -5.74
C PHE B 221 9.46 -10.19 -6.63
N GLY B 222 9.30 -11.45 -6.19
CA GLY B 222 9.84 -12.59 -6.92
C GLY B 222 8.82 -13.69 -7.21
N PHE B 223 9.37 -14.87 -7.53
CA PHE B 223 8.57 -16.05 -7.89
C PHE B 223 9.43 -17.29 -7.69
N ASP B 224 8.95 -18.23 -6.89
CA ASP B 224 9.44 -19.64 -6.79
C ASP B 224 9.21 -20.20 -5.40
N GLY B 225 9.49 -19.40 -4.37
CA GLY B 225 9.42 -19.86 -3.00
C GLY B 225 10.73 -20.47 -2.53
N ALA B 226 11.84 -20.01 -3.09
CA ALA B 226 13.17 -20.45 -2.66
C ALA B 226 13.39 -20.09 -1.19
N GLU B 227 13.97 -21.01 -0.41
CA GLU B 227 14.21 -20.79 1.02
C GLU B 227 14.83 -19.43 1.35
N ASP B 228 15.87 -19.03 0.61
CA ASP B 228 16.55 -17.75 0.87
C ASP B 228 15.64 -16.53 0.68
N VAL B 229 14.71 -16.60 -0.28
CA VAL B 229 13.76 -15.52 -0.48
C VAL B 229 12.70 -15.55 0.60
N ILE B 230 12.18 -16.73 0.93
CA ILE B 230 11.21 -16.86 2.02
C ILE B 230 11.78 -16.26 3.29
N ASN B 231 13.01 -16.61 3.61
CA ASN B 231 13.66 -16.08 4.81
C ASN B 231 13.87 -14.56 4.74
N ALA B 232 14.26 -14.03 3.57
CA ALA B 232 14.39 -12.58 3.42
C ALA B 232 13.05 -11.86 3.66
N ILE B 233 11.97 -12.43 3.13
CA ILE B 233 10.65 -11.82 3.31
C ILE B 233 10.26 -11.83 4.80
N LYS B 234 10.46 -12.97 5.43
CA LYS B 234 10.15 -13.17 6.85
C LYS B 234 10.96 -12.23 7.76
N GLU B 235 12.19 -11.94 7.36
CA GLU B 235 13.06 -11.06 8.14
C GLU B 235 12.84 -9.56 7.87
N GLY B 236 11.88 -9.24 7.01
CA GLY B 236 11.54 -7.85 6.71
C GLY B 236 12.56 -7.14 5.83
N LYS B 237 13.28 -7.89 5.01
CA LYS B 237 14.18 -7.31 4.02
C LYS B 237 13.38 -6.71 2.86
N GLN B 238 14.08 -6.10 1.90
CA GLN B 238 13.39 -5.33 0.87
C GLN B 238 12.71 -6.23 -0.19
N ILE B 239 13.00 -7.52 -0.20
CA ILE B 239 12.15 -8.50 -0.91
C ILE B 239 10.92 -8.73 -0.05
N VAL B 240 9.75 -8.40 -0.59
CA VAL B 240 8.51 -8.39 0.17
C VAL B 240 7.49 -9.47 -0.22
N ALA B 241 7.75 -10.20 -1.31
CA ALA B 241 6.78 -11.19 -1.77
C ALA B 241 7.44 -12.17 -2.72
N THR B 242 6.86 -13.36 -2.75
CA THR B 242 7.16 -14.35 -3.76
C THR B 242 5.95 -15.25 -3.98
N ILE B 243 6.12 -16.20 -4.90
CA ILE B 243 5.07 -17.14 -5.28
C ILE B 243 5.60 -18.53 -5.02
N MET B 244 4.95 -19.26 -4.12
CA MET B 244 5.36 -20.60 -3.71
C MET B 244 4.87 -21.63 -4.72
N GLN B 245 5.81 -22.43 -5.21
CA GLN B 245 5.51 -23.61 -6.03
C GLN B 245 5.51 -24.84 -5.15
N PHE B 246 4.96 -25.94 -5.69
CA PHE B 246 4.90 -27.22 -4.98
C PHE B 246 5.56 -28.33 -5.78
N PRO B 247 6.89 -28.26 -5.93
CA PRO B 247 7.58 -29.23 -6.78
C PRO B 247 7.43 -30.69 -6.34
N LYS B 248 7.42 -30.95 -5.05
CA LYS B 248 7.28 -32.33 -4.58
C LYS B 248 5.94 -32.90 -5.01
N LEU B 249 4.90 -32.08 -4.98
CA LEU B 249 3.57 -32.55 -5.40
C LEU B 249 3.55 -32.79 -6.89
N MET B 250 4.24 -31.96 -7.66
CA MET B 250 4.29 -32.16 -9.11
C MET B 250 5.00 -33.46 -9.48
N ALA B 251 6.13 -33.69 -8.85
CA ALA B 251 6.89 -34.92 -9.09
C ALA B 251 6.07 -36.14 -8.73
N ARG B 252 5.40 -36.10 -7.59
CA ARG B 252 4.59 -37.24 -7.16
C ARG B 252 3.38 -37.42 -8.04
N LEU B 253 2.79 -36.34 -8.53
CA LEU B 253 1.61 -36.44 -9.38
C LEU B 253 1.94 -37.19 -10.66
N ALA B 254 3.08 -36.89 -11.25
CA ALA B 254 3.45 -37.57 -12.48
C ALA B 254 3.57 -39.08 -12.24
N VAL B 255 4.16 -39.46 -11.11
CA VAL B 255 4.31 -40.88 -10.79
C VAL B 255 2.94 -41.51 -10.51
N GLU B 256 2.11 -40.79 -9.78
CA GLU B 256 0.76 -41.30 -9.46
C GLU B 256 -0.07 -41.50 -10.72
N TRP B 257 0.00 -40.56 -11.65
CA TRP B 257 -0.71 -40.67 -12.92
C TRP B 257 -0.14 -41.80 -13.79
N ALA B 258 1.18 -41.97 -13.77
CA ALA B 258 1.77 -43.10 -14.48
C ALA B 258 1.23 -44.42 -13.92
N ASP B 259 1.14 -44.54 -12.60
CA ASP B 259 0.59 -45.73 -11.94
C ASP B 259 -0.87 -45.90 -12.37
N GLN B 260 -1.67 -44.82 -12.31
CA GLN B 260 -3.07 -44.92 -12.75
C GLN B 260 -3.17 -45.37 -14.20
N TYR B 261 -2.30 -44.86 -15.06
CA TYR B 261 -2.29 -45.25 -16.47
C TYR B 261 -2.01 -46.73 -16.60
N LEU B 262 -1.00 -47.21 -15.89
CA LEU B 262 -0.63 -48.61 -16.04
C LEU B 262 -1.71 -49.52 -15.49
N ARG B 263 -2.56 -48.99 -14.62
CA ARG B 263 -3.69 -49.71 -14.07
C ARG B 263 -4.95 -49.57 -14.91
N GLY B 264 -4.88 -48.83 -16.01
CA GLY B 264 -5.95 -48.80 -17.02
C GLY B 264 -6.59 -47.44 -17.29
N GLU B 265 -6.15 -46.38 -16.62
CA GLU B 265 -6.76 -45.07 -16.88
C GLU B 265 -6.28 -44.51 -18.19
N ARG B 266 -7.21 -43.99 -19.00
CA ARG B 266 -6.82 -43.39 -20.27
C ARG B 266 -7.27 -41.94 -20.45
N SER B 267 -8.04 -41.41 -19.51
CA SER B 267 -8.54 -40.04 -19.63
C SER B 267 -7.76 -39.09 -18.74
N PHE B 268 -6.81 -38.38 -19.32
CA PHE B 268 -6.01 -37.38 -18.61
C PHE B 268 -5.98 -36.09 -19.41
N PRO B 269 -6.03 -34.93 -18.73
CA PRO B 269 -5.79 -33.68 -19.46
C PRO B 269 -4.31 -33.62 -19.86
N GLU B 270 -4.03 -33.07 -21.02
CA GLU B 270 -2.67 -33.06 -21.51
C GLU B 270 -1.79 -32.03 -20.83
N ILE B 271 -2.36 -30.89 -20.47
CA ILE B 271 -1.63 -29.78 -19.88
C ILE B 271 -2.21 -29.55 -18.49
N VAL B 272 -1.38 -29.66 -17.46
CA VAL B 272 -1.85 -29.72 -16.09
C VAL B 272 -1.11 -28.66 -15.27
N PRO B 273 -1.69 -27.46 -15.17
CA PRO B 273 -1.09 -26.41 -14.34
C PRO B 273 -1.34 -26.72 -12.88
N VAL B 274 -0.29 -26.76 -12.08
CA VAL B 274 -0.41 -27.03 -10.65
C VAL B 274 -0.38 -25.67 -9.96
N THR B 275 -1.28 -25.47 -9.03
CA THR B 275 -1.46 -24.15 -8.45
C THR B 275 -0.26 -23.73 -7.60
N VAL B 276 -0.29 -22.44 -7.27
CA VAL B 276 0.78 -21.77 -6.55
C VAL B 276 0.13 -20.85 -5.53
N GLU B 277 0.91 -20.35 -4.57
CA GLU B 277 0.37 -19.47 -3.52
C GLU B 277 1.26 -18.27 -3.29
N LEU B 278 0.65 -17.13 -3.01
CA LEU B 278 1.38 -15.91 -2.68
C LEU B 278 1.96 -16.00 -1.28
N VAL B 279 3.21 -15.56 -1.13
CA VAL B 279 3.87 -15.43 0.15
C VAL B 279 4.27 -13.96 0.36
N THR B 280 3.91 -13.39 1.51
CA THR B 280 4.16 -11.95 1.79
C THR B 280 4.70 -11.75 3.21
N ARG B 281 5.00 -10.49 3.55
CA ARG B 281 5.43 -10.14 4.92
C ARG B 281 4.60 -10.73 6.06
N GLU B 282 3.28 -10.80 5.88
CA GLU B 282 2.41 -11.46 6.87
C GLU B 282 2.22 -12.92 6.48
#